data_3PET
#
_entry.id   3PET
#
_cell.length_a   38.590
_cell.length_b   60.700
_cell.length_c   205.110
_cell.angle_alpha   90.000
_cell.angle_beta   90.000
_cell.angle_gamma   90.000
#
_symmetry.space_group_name_H-M   'P 21 21 21'
#
loop_
_entity.id
_entity.type
_entity.pdbx_description
1 polymer 'Putative adhesin'
2 non-polymer 'CHLORIDE ION'
3 non-polymer 'ACETATE ION'
4 non-polymer 'TETRAETHYLENE GLYCOL'
5 water water
#
_entity_poly.entity_id   1
_entity_poly.type   'polypeptide(L)'
_entity_poly.pdbx_seq_one_letter_code
;GGEGIQPSKKLITRDYKVKEFNKIDAGTVGNIYYTQSTDGKTDLQIYGPDNIVALIQVAVKDNTLFLSIDKSKKVRNFKK
(MSE)KITITSPTLNGISFKGVGDVHIENGLTTDNLDIESKGVGNVDIQSLTCQKLNVQS(MSE)GVGDVKLEGTAQIAA
LHSKGVGNIEAGNLRANAVEASSQGVGDITCNATESIDAAVRGVGSIKYKGSPTIKSLSKKGVGTIKNI
;
_entity_poly.pdbx_strand_id   A,B
#
loop_
_chem_comp.id
_chem_comp.type
_chem_comp.name
_chem_comp.formula
ACT non-polymer 'ACETATE ION' 'C2 H3 O2 -1'
CL non-polymer 'CHLORIDE ION' 'Cl -1'
PG4 non-polymer 'TETRAETHYLENE GLYCOL' 'C8 H18 O5'
#
# COMPACT_ATOMS: atom_id res chain seq x y z
N GLY A 4 -27.13 -4.88 -2.73
CA GLY A 4 -26.97 -6.32 -2.93
C GLY A 4 -27.66 -7.20 -1.90
N ILE A 5 -27.02 -8.33 -1.55
CA ILE A 5 -27.53 -9.32 -0.59
C ILE A 5 -27.60 -8.70 0.80
N GLN A 6 -28.77 -8.83 1.45
CA GLN A 6 -28.96 -8.32 2.80
C GLN A 6 -28.55 -9.43 3.78
N PRO A 7 -27.52 -9.22 4.64
CA PRO A 7 -27.15 -10.27 5.60
C PRO A 7 -28.32 -10.61 6.51
N SER A 8 -28.56 -11.92 6.72
CA SER A 8 -29.64 -12.37 7.57
C SER A 8 -29.30 -12.16 9.06
N LYS A 9 -30.33 -12.22 9.92
CA LYS A 9 -30.19 -12.07 11.37
C LYS A 9 -29.78 -13.40 12.01
N LYS A 10 -29.87 -14.54 11.26
CA LYS A 10 -29.47 -15.86 11.77
C LYS A 10 -27.94 -16.04 11.68
N LEU A 11 -27.27 -15.86 12.81
CA LEU A 11 -25.82 -16.01 12.89
C LEU A 11 -25.50 -17.46 13.16
N ILE A 12 -24.70 -18.05 12.27
CA ILE A 12 -24.34 -19.46 12.35
C ILE A 12 -22.84 -19.66 12.33
N THR A 13 -22.43 -20.86 12.74
CA THR A 13 -21.10 -21.38 12.57
C THR A 13 -21.24 -22.58 11.66
N ARG A 14 -20.55 -22.51 10.53
CA ARG A 14 -20.53 -23.65 9.62
CA ARG A 14 -20.50 -23.61 9.56
C ARG A 14 -19.19 -24.35 9.81
N ASP A 15 -19.24 -25.65 10.05
CA ASP A 15 -18.05 -26.46 10.25
C ASP A 15 -17.79 -27.26 8.99
N TYR A 16 -16.58 -27.14 8.44
CA TYR A 16 -16.14 -27.87 7.25
C TYR A 16 -15.08 -28.87 7.66
N LYS A 17 -15.40 -30.14 7.53
CA LYS A 17 -14.47 -31.22 7.87
C LYS A 17 -13.56 -31.41 6.67
N VAL A 18 -12.54 -30.56 6.58
CA VAL A 18 -11.59 -30.55 5.47
C VAL A 18 -10.46 -31.55 5.71
N LYS A 19 -9.79 -31.97 4.63
CA LYS A 19 -8.60 -32.80 4.66
C LYS A 19 -7.46 -31.99 5.29
N GLU A 20 -6.42 -32.66 5.81
CA GLU A 20 -5.32 -31.89 6.39
C GLU A 20 -4.56 -31.10 5.31
N PHE A 21 -4.14 -29.89 5.68
CA PHE A 21 -3.41 -28.94 4.83
C PHE A 21 -2.31 -28.32 5.67
N ASN A 22 -1.30 -27.74 5.00
CA ASN A 22 -0.22 -27.02 5.68
C ASN A 22 -0.04 -25.63 5.05
N LYS A 23 -0.99 -25.25 4.17
CA LYS A 23 -0.99 -23.96 3.48
C LYS A 23 -2.39 -23.42 3.37
N ILE A 24 -2.52 -22.09 3.42
CA ILE A 24 -3.79 -21.38 3.33
C ILE A 24 -3.69 -20.41 2.17
N ASP A 25 -4.73 -20.41 1.31
CA ASP A 25 -4.86 -19.47 0.19
C ASP A 25 -6.26 -18.91 0.26
N ALA A 26 -6.39 -17.63 0.67
CA ALA A 26 -7.71 -17.05 0.90
C ALA A 26 -7.96 -15.77 0.11
N GLY A 27 -9.12 -15.73 -0.56
CA GLY A 27 -9.59 -14.59 -1.35
C GLY A 27 -10.97 -14.16 -0.86
N THR A 28 -11.16 -14.23 0.45
CA THR A 28 -12.43 -13.93 1.09
C THR A 28 -12.44 -12.57 1.73
N VAL A 29 -13.62 -12.21 2.26
CA VAL A 29 -13.82 -11.00 3.04
C VAL A 29 -14.10 -11.46 4.47
N GLY A 30 -13.30 -11.00 5.42
CA GLY A 30 -13.46 -11.36 6.82
C GLY A 30 -12.14 -11.67 7.48
N ASN A 31 -12.12 -11.58 8.82
CA ASN A 31 -10.90 -11.80 9.58
C ASN A 31 -10.64 -13.26 9.75
N ILE A 32 -9.37 -13.63 9.68
CA ILE A 32 -8.95 -15.03 9.82
C ILE A 32 -8.13 -15.21 11.08
N TYR A 33 -8.44 -16.27 11.85
CA TYR A 33 -7.71 -16.61 13.07
C TYR A 33 -7.20 -18.02 12.92
N TYR A 34 -5.89 -18.16 12.80
CA TYR A 34 -5.27 -19.48 12.68
C TYR A 34 -4.73 -19.93 14.06
N THR A 35 -4.96 -21.19 14.39
CA THR A 35 -4.47 -21.85 15.59
C THR A 35 -3.71 -23.11 15.17
N GLN A 36 -2.51 -23.31 15.71
CA GLN A 36 -1.79 -24.56 15.47
C GLN A 36 -2.35 -25.56 16.47
N SER A 37 -2.97 -26.65 15.98
CA SER A 37 -3.57 -27.65 16.87
CA SER A 37 -3.57 -27.69 16.82
C SER A 37 -2.50 -28.42 17.65
N THR A 38 -2.86 -28.82 18.88
CA THR A 38 -1.95 -29.56 19.76
C THR A 38 -2.53 -30.97 19.96
N ASP A 39 -3.67 -31.30 19.33
CA ASP A 39 -4.32 -32.62 19.45
C ASP A 39 -4.45 -33.34 18.08
N GLY A 40 -3.61 -32.97 17.12
CA GLY A 40 -3.55 -33.52 15.76
C GLY A 40 -4.76 -33.26 14.86
N LYS A 41 -5.61 -32.32 15.23
CA LYS A 41 -6.83 -32.06 14.48
C LYS A 41 -6.72 -30.95 13.42
N THR A 42 -7.48 -31.10 12.33
CA THR A 42 -7.62 -30.13 11.25
C THR A 42 -9.08 -29.68 11.25
N ASP A 43 -9.33 -28.36 11.24
CA ASP A 43 -10.70 -27.88 11.25
C ASP A 43 -10.82 -26.49 10.63
N LEU A 44 -12.00 -26.24 10.07
CA LEU A 44 -12.37 -24.96 9.48
C LEU A 44 -13.75 -24.62 9.92
N GLN A 45 -13.88 -23.45 10.55
CA GLN A 45 -15.19 -22.92 10.95
C GLN A 45 -15.35 -21.53 10.43
N ILE A 46 -16.55 -21.25 9.92
CA ILE A 46 -16.87 -19.91 9.42
C ILE A 46 -18.12 -19.44 10.15
N TYR A 47 -17.99 -18.30 10.83
CA TYR A 47 -19.05 -17.68 11.61
C TYR A 47 -19.55 -16.42 10.91
N GLY A 48 -20.86 -16.21 10.93
CA GLY A 48 -21.44 -15.00 10.37
C GLY A 48 -22.88 -15.23 9.99
N PRO A 49 -23.51 -14.24 9.32
CA PRO A 49 -24.89 -14.44 8.85
C PRO A 49 -24.91 -15.61 7.88
N ASP A 50 -25.92 -16.51 7.98
CA ASP A 50 -25.94 -17.74 7.19
C ASP A 50 -25.90 -17.53 5.67
N ASN A 51 -26.51 -16.47 5.14
CA ASN A 51 -26.51 -16.22 3.69
C ASN A 51 -25.18 -15.60 3.20
N ILE A 52 -24.35 -15.11 4.13
CA ILE A 52 -23.03 -14.54 3.81
C ILE A 52 -21.99 -15.68 3.91
N VAL A 53 -22.13 -16.53 4.94
CA VAL A 53 -21.27 -17.72 5.12
C VAL A 53 -21.39 -18.61 3.88
N ALA A 54 -22.62 -18.73 3.34
CA ALA A 54 -22.94 -19.55 2.17
C ALA A 54 -22.20 -19.09 0.90
N LEU A 55 -21.68 -17.84 0.87
CA LEU A 55 -20.96 -17.29 -0.29
C LEU A 55 -19.50 -17.79 -0.37
N ILE A 56 -18.99 -18.42 0.69
CA ILE A 56 -17.60 -18.86 0.71
C ILE A 56 -17.45 -20.28 0.16
N GLN A 57 -16.62 -20.44 -0.86
CA GLN A 57 -16.37 -21.78 -1.41
C GLN A 57 -15.08 -22.29 -0.74
N VAL A 58 -15.11 -23.55 -0.36
CA VAL A 58 -14.03 -24.19 0.40
C VAL A 58 -13.53 -25.43 -0.33
N ALA A 59 -12.20 -25.62 -0.41
CA ALA A 59 -11.59 -26.82 -1.00
C ALA A 59 -10.18 -27.01 -0.51
N VAL A 60 -9.79 -28.26 -0.34
CA VAL A 60 -8.40 -28.60 -0.02
C VAL A 60 -7.85 -29.31 -1.26
N LYS A 61 -6.78 -28.78 -1.80
CA LYS A 61 -6.11 -29.30 -3.00
C LYS A 61 -4.61 -29.06 -2.83
N ASP A 62 -3.77 -30.07 -3.17
CA ASP A 62 -2.30 -30.06 -3.06
CA ASP A 62 -2.31 -30.02 -3.07
C ASP A 62 -1.85 -29.46 -1.71
N ASN A 63 -2.38 -30.04 -0.61
CA ASN A 63 -2.09 -29.68 0.79
C ASN A 63 -2.39 -28.20 1.11
N THR A 64 -3.27 -27.57 0.33
CA THR A 64 -3.63 -26.16 0.50
C THR A 64 -5.11 -26.00 0.71
N LEU A 65 -5.48 -25.23 1.73
CA LEU A 65 -6.86 -24.86 1.98
C LEU A 65 -7.13 -23.62 1.13
N PHE A 66 -8.07 -23.73 0.17
CA PHE A 66 -8.48 -22.61 -0.68
C PHE A 66 -9.82 -22.10 -0.23
N LEU A 67 -9.90 -20.81 0.06
CA LEU A 67 -11.14 -20.14 0.44
C LEU A 67 -11.41 -19.08 -0.63
N SER A 68 -12.55 -19.16 -1.31
CA SER A 68 -12.87 -18.22 -2.37
C SER A 68 -14.32 -17.76 -2.28
N ILE A 69 -14.68 -16.75 -3.09
CA ILE A 69 -16.02 -16.19 -3.17
C ILE A 69 -16.40 -15.96 -4.61
N ASP A 70 -17.71 -15.81 -4.86
CA ASP A 70 -18.23 -15.38 -6.15
C ASP A 70 -18.02 -13.86 -6.12
N LYS A 71 -17.01 -13.40 -6.84
CA LYS A 71 -16.63 -11.98 -6.83
C LYS A 71 -17.70 -11.05 -7.46
N SER A 72 -18.63 -11.62 -8.26
CA SER A 72 -19.72 -10.89 -8.93
C SER A 72 -20.88 -10.66 -7.96
N LYS A 73 -20.83 -11.25 -6.73
CA LYS A 73 -21.95 -11.12 -5.80
C LYS A 73 -21.89 -9.85 -4.95
N LYS A 74 -22.92 -9.00 -5.07
CA LYS A 74 -22.98 -7.77 -4.29
C LYS A 74 -23.55 -8.09 -2.92
N VAL A 75 -22.89 -7.60 -1.89
CA VAL A 75 -23.29 -7.79 -0.49
C VAL A 75 -23.38 -6.39 0.14
N ARG A 76 -24.51 -6.10 0.82
CA ARG A 76 -24.72 -4.82 1.50
C ARG A 76 -23.56 -4.56 2.54
N ASN A 77 -23.17 -5.59 3.33
CA ASN A 77 -22.03 -5.53 4.27
C ASN A 77 -21.56 -6.93 4.70
N PHE A 78 -20.28 -7.05 5.14
CA PHE A 78 -19.68 -8.32 5.58
C PHE A 78 -19.39 -8.30 7.10
N LYS A 79 -20.25 -7.61 7.87
CA LYS A 79 -20.11 -7.50 9.33
C LYS A 79 -20.38 -8.85 10.03
N LYS A 80 -19.55 -9.17 11.05
CA LYS A 80 -19.63 -10.37 11.91
C LYS A 80 -18.89 -11.60 11.32
N MSE A 81 -18.39 -11.52 10.07
CA MSE A 81 -17.67 -12.63 9.41
C MSE A 81 -16.37 -12.99 10.14
O MSE A 81 -15.51 -12.13 10.31
CB MSE A 81 -17.36 -12.31 7.93
CG MSE A 81 -18.60 -12.28 7.04
SE MSE A 81 -19.64 -13.96 7.05
CE MSE A 81 -18.31 -15.12 6.36
N LYS A 82 -16.25 -14.24 10.62
CA LYS A 82 -15.02 -14.69 11.29
C LYS A 82 -14.67 -16.08 10.79
N ILE A 83 -13.44 -16.22 10.28
CA ILE A 83 -12.95 -17.49 9.76
C ILE A 83 -11.93 -18.05 10.76
N THR A 84 -12.20 -19.23 11.31
CA THR A 84 -11.35 -19.87 12.30
C THR A 84 -10.75 -21.11 11.66
N ILE A 85 -9.41 -21.14 11.59
CA ILE A 85 -8.69 -22.23 10.93
C ILE A 85 -7.72 -22.91 11.93
N THR A 86 -7.65 -24.24 11.90
CA THR A 86 -6.70 -24.95 12.73
C THR A 86 -6.19 -26.17 11.98
N SER A 87 -4.88 -26.41 12.15
CA SER A 87 -4.19 -27.55 11.58
C SER A 87 -2.95 -27.88 12.42
N PRO A 88 -2.40 -29.12 12.37
CA PRO A 88 -1.18 -29.42 13.14
C PRO A 88 0.06 -28.64 12.67
N THR A 89 0.15 -28.32 11.35
CA THR A 89 1.29 -27.61 10.79
C THR A 89 0.87 -26.50 9.84
N LEU A 90 1.75 -25.49 9.66
CA LEU A 90 1.52 -24.40 8.71
C LEU A 90 2.86 -23.92 8.16
N ASN A 91 2.98 -23.94 6.80
CA ASN A 91 4.17 -23.51 6.07
C ASN A 91 3.92 -22.30 5.17
N GLY A 92 2.66 -21.99 4.90
CA GLY A 92 2.37 -20.88 4.01
C GLY A 92 1.02 -20.24 4.17
N ILE A 93 0.99 -18.91 4.01
CA ILE A 93 -0.23 -18.11 3.98
C ILE A 93 -0.14 -17.22 2.77
N SER A 94 -1.10 -17.37 1.86
CA SER A 94 -1.27 -16.50 0.71
C SER A 94 -2.61 -15.79 0.87
N PHE A 95 -2.58 -14.49 1.17
CA PHE A 95 -3.82 -13.77 1.43
C PHE A 95 -4.08 -12.76 0.34
N LYS A 96 -5.27 -12.86 -0.29
CA LYS A 96 -5.68 -12.01 -1.41
C LYS A 96 -7.10 -11.46 -1.21
N GLY A 97 -7.53 -11.23 0.03
CA GLY A 97 -8.86 -10.71 0.28
C GLY A 97 -8.89 -9.42 1.08
N VAL A 98 -9.98 -9.23 1.82
CA VAL A 98 -10.18 -8.06 2.67
C VAL A 98 -10.39 -8.56 4.08
N GLY A 99 -9.47 -8.20 4.97
CA GLY A 99 -9.50 -8.63 6.37
C GLY A 99 -8.13 -8.87 6.97
N ASP A 100 -8.09 -9.06 8.30
CA ASP A 100 -6.84 -9.29 9.02
C ASP A 100 -6.57 -10.76 9.20
N VAL A 101 -5.27 -11.15 9.20
CA VAL A 101 -4.87 -12.55 9.39
C VAL A 101 -4.13 -12.62 10.72
N HIS A 102 -4.60 -13.49 11.64
CA HIS A 102 -3.99 -13.61 12.96
C HIS A 102 -3.51 -15.01 13.24
N ILE A 103 -2.40 -15.09 14.00
CA ILE A 103 -1.83 -16.27 14.66
C ILE A 103 -1.57 -15.74 16.06
N GLU A 104 -2.62 -15.72 16.89
CA GLU A 104 -2.53 -15.10 18.21
C GLU A 104 -1.71 -15.90 19.22
N ASN A 105 -1.76 -17.24 19.15
CA ASN A 105 -1.16 -18.06 20.19
C ASN A 105 -0.03 -18.97 19.72
N GLY A 106 0.73 -18.56 18.72
CA GLY A 106 1.90 -19.32 18.33
C GLY A 106 1.85 -20.24 17.15
N LEU A 107 3.03 -20.44 16.57
CA LEU A 107 3.26 -21.36 15.46
C LEU A 107 4.70 -21.81 15.51
N THR A 108 4.90 -23.14 15.55
CA THR A 108 6.22 -23.77 15.46
C THR A 108 6.26 -24.49 14.12
N THR A 109 7.17 -24.07 13.26
CA THR A 109 7.28 -24.64 11.91
C THR A 109 8.74 -24.58 11.46
N ASP A 110 9.08 -25.29 10.39
CA ASP A 110 10.44 -25.19 9.85
C ASP A 110 10.53 -23.94 8.96
N ASN A 111 9.70 -23.85 7.91
CA ASN A 111 9.67 -22.72 6.97
C ASN A 111 8.30 -22.12 6.92
N LEU A 112 8.22 -20.80 6.98
CA LEU A 112 6.96 -20.10 6.86
C LEU A 112 7.06 -19.09 5.75
N ASP A 113 6.12 -19.16 4.79
CA ASP A 113 6.06 -18.23 3.68
C ASP A 113 4.76 -17.39 3.80
N ILE A 114 4.90 -16.06 3.96
CA ILE A 114 3.77 -15.15 4.05
CA ILE A 114 3.79 -15.13 4.07
C ILE A 114 3.75 -14.28 2.81
N GLU A 115 2.62 -14.36 2.05
CA GLU A 115 2.39 -13.58 0.84
C GLU A 115 1.10 -12.79 1.07
N SER A 116 1.22 -11.49 1.40
CA SER A 116 0.01 -10.67 1.62
C SER A 116 -0.21 -9.77 0.41
N LYS A 117 -1.35 -9.98 -0.27
CA LYS A 117 -1.70 -9.28 -1.49
C LYS A 117 -3.11 -8.71 -1.39
N GLY A 118 -3.60 -8.52 -0.17
CA GLY A 118 -4.94 -8.00 0.05
C GLY A 118 -4.97 -6.71 0.83
N VAL A 119 -6.15 -6.36 1.34
CA VAL A 119 -6.36 -5.16 2.19
C VAL A 119 -6.59 -5.66 3.60
N GLY A 120 -5.61 -5.41 4.47
CA GLY A 120 -5.67 -5.87 5.84
C GLY A 120 -4.30 -6.19 6.39
N ASN A 121 -4.23 -6.42 7.69
CA ASN A 121 -2.97 -6.69 8.40
C ASN A 121 -2.71 -8.16 8.60
N VAL A 122 -1.47 -8.51 8.91
CA VAL A 122 -1.04 -9.86 9.28
C VAL A 122 -0.37 -9.69 10.65
N ASP A 123 -0.83 -10.43 11.64
CA ASP A 123 -0.29 -10.33 13.00
C ASP A 123 0.02 -11.72 13.50
N ILE A 124 1.30 -12.07 13.57
CA ILE A 124 1.76 -13.40 14.00
C ILE A 124 2.56 -13.24 15.27
N GLN A 125 2.09 -13.93 16.32
CA GLN A 125 2.65 -13.90 17.66
CA GLN A 125 2.69 -13.89 17.65
C GLN A 125 3.22 -15.25 18.04
N SER A 126 4.33 -15.26 18.81
CA SER A 126 5.01 -16.47 19.30
C SER A 126 5.37 -17.42 18.15
N LEU A 127 6.04 -16.87 17.14
CA LEU A 127 6.50 -17.66 16.01
C LEU A 127 7.86 -18.30 16.34
N THR A 128 8.03 -19.60 16.08
CA THR A 128 9.31 -20.28 16.21
C THR A 128 9.54 -20.95 14.86
N CYS A 129 10.53 -20.49 14.08
CA CYS A 129 10.76 -21.10 12.79
C CYS A 129 12.24 -21.11 12.45
N GLN A 130 12.62 -21.83 11.36
CA GLN A 130 13.99 -21.84 10.88
C GLN A 130 14.12 -20.75 9.86
N LYS A 131 13.27 -20.80 8.82
CA LYS A 131 13.29 -19.81 7.74
CA LYS A 131 13.28 -19.82 7.74
C LYS A 131 11.94 -19.12 7.62
N LEU A 132 11.97 -17.79 7.57
CA LEU A 132 10.79 -16.96 7.40
C LEU A 132 10.95 -16.15 6.14
N ASN A 133 9.94 -16.17 5.29
CA ASN A 133 9.90 -15.39 4.07
C ASN A 133 8.63 -14.58 4.05
N VAL A 134 8.74 -13.23 4.01
CA VAL A 134 7.60 -12.34 3.98
C VAL A 134 7.67 -11.51 2.70
N GLN A 135 6.60 -11.55 1.92
CA GLN A 135 6.43 -10.72 0.72
C GLN A 135 5.16 -9.94 0.90
N SER A 136 5.26 -8.68 1.36
CA SER A 136 4.05 -7.87 1.56
C SER A 136 3.82 -7.03 0.33
N MSE A 137 2.68 -7.25 -0.31
CA MSE A 137 2.40 -6.65 -1.61
C MSE A 137 1.06 -5.93 -1.68
O MSE A 137 0.74 -5.41 -2.73
CB MSE A 137 2.41 -7.75 -2.67
CG MSE A 137 3.79 -8.35 -2.91
SE MSE A 137 3.62 -9.95 -4.01
CE MSE A 137 3.23 -11.17 -2.60
N GLY A 138 0.30 -5.88 -0.60
CA GLY A 138 -1.00 -5.23 -0.60
C GLY A 138 -1.04 -3.98 0.24
N VAL A 139 -2.19 -3.69 0.85
CA VAL A 139 -2.35 -2.52 1.72
C VAL A 139 -2.55 -3.01 3.15
N GLY A 140 -1.58 -2.74 4.01
CA GLY A 140 -1.64 -3.20 5.39
C GLY A 140 -0.27 -3.52 5.96
N ASP A 141 -0.25 -3.76 7.26
CA ASP A 141 0.98 -4.05 8.01
C ASP A 141 1.17 -5.53 8.27
N VAL A 142 2.43 -5.97 8.36
CA VAL A 142 2.77 -7.36 8.72
C VAL A 142 3.53 -7.28 10.04
N LYS A 143 2.88 -7.71 11.14
CA LYS A 143 3.46 -7.70 12.48
C LYS A 143 3.90 -9.12 12.84
N LEU A 144 5.17 -9.26 13.27
CA LEU A 144 5.79 -10.54 13.59
C LEU A 144 6.54 -10.49 14.90
N GLU A 145 6.32 -11.50 15.74
CA GLU A 145 7.01 -11.65 17.02
C GLU A 145 7.43 -13.12 17.18
N GLY A 146 8.63 -13.33 17.71
CA GLY A 146 9.16 -14.66 17.95
C GLY A 146 10.60 -14.78 17.53
N THR A 147 10.97 -15.93 16.99
CA THR A 147 12.36 -16.17 16.58
C THR A 147 12.42 -16.82 15.19
N ALA A 148 13.51 -16.59 14.49
CA ALA A 148 13.79 -17.20 13.18
C ALA A 148 15.30 -17.34 13.03
N GLN A 149 15.76 -18.37 12.31
CA GLN A 149 17.19 -18.45 12.07
C GLN A 149 17.50 -17.46 10.94
N ILE A 150 16.63 -17.44 9.93
CA ILE A 150 16.70 -16.55 8.77
C ILE A 150 15.35 -15.88 8.59
N ALA A 151 15.34 -14.55 8.35
CA ALA A 151 14.10 -13.80 8.06
C ALA A 151 14.32 -12.92 6.83
N ALA A 152 13.61 -13.25 5.75
CA ALA A 152 13.62 -12.48 4.52
C ALA A 152 12.36 -11.63 4.54
N LEU A 153 12.53 -10.30 4.61
CA LEU A 153 11.43 -9.33 4.75
C LEU A 153 11.43 -8.42 3.56
N HIS A 154 10.45 -8.59 2.65
CA HIS A 154 10.39 -7.82 1.40
C HIS A 154 9.05 -7.12 1.30
N SER A 155 9.09 -5.80 1.49
CA SER A 155 7.87 -5.00 1.43
C SER A 155 7.79 -4.34 0.08
N LYS A 156 6.61 -4.43 -0.56
CA LYS A 156 6.38 -3.90 -1.93
C LYS A 156 5.08 -3.11 -2.07
N GLY A 157 4.20 -3.18 -1.08
CA GLY A 157 2.93 -2.47 -1.15
C GLY A 157 2.93 -1.21 -0.31
N VAL A 158 1.80 -0.95 0.34
CA VAL A 158 1.68 0.22 1.22
C VAL A 158 1.45 -0.32 2.65
N GLY A 159 2.37 -0.02 3.54
CA GLY A 159 2.30 -0.52 4.91
C GLY A 159 3.68 -0.89 5.44
N ASN A 160 3.72 -1.24 6.72
CA ASN A 160 4.95 -1.55 7.44
C ASN A 160 5.12 -3.01 7.79
N ILE A 161 6.39 -3.46 7.83
CA ILE A 161 6.73 -4.76 8.37
C ILE A 161 7.23 -4.44 9.76
N GLU A 162 6.48 -4.85 10.76
CA GLU A 162 6.82 -4.58 12.15
CA GLU A 162 6.80 -4.60 12.16
C GLU A 162 7.36 -5.89 12.77
N ALA A 163 8.66 -6.11 12.59
CA ALA A 163 9.33 -7.33 13.06
C ALA A 163 10.51 -7.03 14.01
N GLY A 164 10.37 -5.96 14.81
CA GLY A 164 11.36 -5.58 15.82
C GLY A 164 11.47 -6.62 16.93
N ASN A 165 10.35 -7.31 17.22
CA ASN A 165 10.30 -8.37 18.24
C ASN A 165 10.39 -9.77 17.63
N LEU A 166 10.84 -9.84 16.37
CA LEU A 166 11.15 -11.09 15.71
C LEU A 166 12.66 -11.19 15.70
N ARG A 167 13.23 -11.93 16.68
CA ARG A 167 14.69 -12.10 16.83
C ARG A 167 15.19 -13.10 15.79
N ALA A 168 15.97 -12.63 14.80
CA ALA A 168 16.51 -13.49 13.75
C ALA A 168 18.04 -13.45 13.76
N ASN A 169 18.70 -14.54 13.36
CA ASN A 169 20.16 -14.52 13.27
C ASN A 169 20.58 -13.78 12.01
N ALA A 170 19.96 -14.10 10.87
CA ALA A 170 20.24 -13.47 9.58
C ALA A 170 18.99 -12.82 9.04
N VAL A 171 19.11 -11.56 8.62
CA VAL A 171 17.97 -10.83 8.07
C VAL A 171 18.32 -10.37 6.66
N GLU A 172 17.35 -10.52 5.74
CA GLU A 172 17.43 -9.98 4.37
C GLU A 172 16.22 -9.07 4.22
N ALA A 173 16.44 -7.75 4.25
CA ALA A 173 15.32 -6.81 4.19
C ALA A 173 15.39 -5.90 2.98
N SER A 174 14.27 -5.75 2.27
CA SER A 174 14.20 -4.84 1.13
CA SER A 174 14.20 -4.84 1.14
C SER A 174 12.87 -4.13 1.15
N SER A 175 12.90 -2.77 1.11
CA SER A 175 11.71 -1.92 1.14
C SER A 175 11.56 -1.25 -0.23
N GLN A 176 10.51 -1.64 -1.01
CA GLN A 176 10.29 -1.15 -2.40
C GLN A 176 8.96 -0.39 -2.59
N GLY A 177 8.08 -0.43 -1.60
CA GLY A 177 6.82 0.31 -1.67
C GLY A 177 6.88 1.53 -0.78
N VAL A 178 5.75 1.82 -0.12
CA VAL A 178 5.64 2.95 0.80
C VAL A 178 5.46 2.39 2.19
N GLY A 179 6.45 2.60 3.06
CA GLY A 179 6.40 2.03 4.40
C GLY A 179 7.77 1.62 4.92
N ASP A 180 7.82 1.32 6.21
CA ASP A 180 9.05 1.00 6.93
C ASP A 180 9.18 -0.46 7.25
N ILE A 181 10.43 -0.91 7.45
CA ILE A 181 10.69 -2.26 7.96
C ILE A 181 11.43 -2.09 9.28
N THR A 182 10.90 -2.64 10.36
CA THR A 182 11.58 -2.68 11.65
C THR A 182 11.93 -4.14 11.85
N CYS A 183 13.20 -4.43 12.13
CA CYS A 183 13.61 -5.84 12.24
C CYS A 183 14.70 -5.99 13.30
N ASN A 184 15.19 -7.21 13.48
CA ASN A 184 16.10 -7.56 14.55
C ASN A 184 17.06 -8.64 14.05
N ALA A 185 18.33 -8.26 13.86
CA ALA A 185 19.37 -9.13 13.31
C ALA A 185 20.49 -9.29 14.30
N THR A 186 20.72 -10.51 14.78
CA THR A 186 21.79 -10.70 15.78
C THR A 186 23.14 -10.97 15.12
N GLU A 187 23.18 -11.66 13.96
CA GLU A 187 24.46 -12.00 13.33
C GLU A 187 24.74 -11.27 12.00
N SER A 188 23.73 -11.16 11.12
CA SER A 188 23.93 -10.56 9.80
CA SER A 188 23.95 -10.50 9.83
C SER A 188 22.70 -9.81 9.32
N ILE A 189 22.90 -8.72 8.54
CA ILE A 189 21.78 -8.00 7.95
C ILE A 189 22.17 -7.51 6.55
N ASP A 190 21.34 -7.87 5.59
CA ASP A 190 21.42 -7.37 4.22
C ASP A 190 20.18 -6.49 4.08
N ALA A 191 20.37 -5.16 4.00
CA ALA A 191 19.23 -4.24 3.95
C ALA A 191 19.31 -3.33 2.74
N ALA A 192 18.17 -3.17 2.01
CA ALA A 192 18.14 -2.32 0.81
C ALA A 192 16.90 -1.42 0.81
N VAL A 193 17.12 -0.08 0.86
CA VAL A 193 16.01 0.91 0.79
C VAL A 193 15.81 1.26 -0.69
N ARG A 194 14.63 0.95 -1.24
CA ARG A 194 14.36 1.20 -2.67
C ARG A 194 13.02 1.91 -2.94
N GLY A 195 12.30 2.28 -1.89
CA GLY A 195 11.03 3.00 -2.05
C GLY A 195 10.99 4.24 -1.19
N VAL A 196 9.82 4.51 -0.58
CA VAL A 196 9.63 5.63 0.34
C VAL A 196 9.44 5.01 1.71
N GLY A 197 10.48 5.08 2.52
CA GLY A 197 10.45 4.47 3.84
C GLY A 197 11.83 3.98 4.23
N SER A 198 11.95 3.62 5.49
CA SER A 198 13.21 3.27 6.11
C SER A 198 13.28 1.87 6.67
N ILE A 199 14.52 1.38 6.86
CA ILE A 199 14.77 0.07 7.49
C ILE A 199 15.49 0.33 8.82
N LYS A 200 14.86 -0.10 9.92
CA LYS A 200 15.41 0.04 11.27
C LYS A 200 15.71 -1.34 11.81
N TYR A 201 16.93 -1.57 12.29
CA TYR A 201 17.23 -2.90 12.82
C TYR A 201 17.83 -2.84 14.21
N LYS A 202 17.35 -3.72 15.09
CA LYS A 202 17.91 -3.93 16.41
C LYS A 202 19.04 -4.93 16.27
N GLY A 203 19.91 -4.98 17.27
CA GLY A 203 21.02 -5.93 17.35
C GLY A 203 22.38 -5.35 17.00
N SER A 204 23.42 -6.18 17.12
CA SER A 204 24.80 -5.81 16.77
C SER A 204 25.35 -6.84 15.78
N PRO A 205 24.79 -6.90 14.55
CA PRO A 205 25.26 -7.92 13.60
C PRO A 205 26.71 -7.74 13.22
N THR A 206 27.41 -8.86 13.11
CA THR A 206 28.82 -8.98 12.72
C THR A 206 29.02 -8.51 11.27
N ILE A 207 28.09 -8.92 10.37
CA ILE A 207 28.16 -8.60 8.95
C ILE A 207 26.96 -7.78 8.55
N LYS A 208 27.19 -6.68 7.86
CA LYS A 208 26.07 -5.91 7.36
C LYS A 208 26.36 -5.42 5.95
N SER A 209 25.33 -5.45 5.10
CA SER A 209 25.39 -4.97 3.72
C SER A 209 24.21 -4.04 3.54
N LEU A 210 24.48 -2.74 3.44
CA LEU A 210 23.44 -1.73 3.39
C LEU A 210 23.48 -0.94 2.07
N SER A 211 22.29 -0.71 1.50
CA SER A 211 22.11 -0.02 0.23
C SER A 211 20.97 0.96 0.36
N LYS A 212 21.23 2.24 0.13
CA LYS A 212 20.22 3.30 0.21
C LYS A 212 19.96 3.84 -1.18
N LYS A 213 18.86 3.44 -1.81
CA LYS A 213 18.57 3.89 -3.18
C LYS A 213 17.11 4.35 -3.35
N GLY A 214 16.57 5.02 -2.34
CA GLY A 214 15.19 5.52 -2.30
C GLY A 214 15.06 6.76 -1.44
N VAL A 215 13.91 6.93 -0.80
CA VAL A 215 13.66 8.07 0.09
C VAL A 215 13.48 7.50 1.47
N GLY A 216 14.54 7.53 2.25
CA GLY A 216 14.56 6.96 3.58
C GLY A 216 15.95 6.51 3.96
N THR A 217 16.10 5.97 5.14
CA THR A 217 17.42 5.56 5.59
C THR A 217 17.45 4.17 6.22
N ILE A 218 18.65 3.72 6.59
CA ILE A 218 18.91 2.45 7.28
C ILE A 218 19.55 2.85 8.59
N LYS A 219 18.95 2.47 9.71
CA LYS A 219 19.43 2.88 11.02
C LYS A 219 19.44 1.70 12.01
N ASN A 220 20.50 1.61 12.80
CA ASN A 220 20.60 0.61 13.86
C ASN A 220 19.92 1.22 15.10
N ILE A 221 18.91 0.54 15.66
CA ILE A 221 18.15 1.07 16.81
C ILE A 221 18.24 0.14 18.05
N GLY B 4 30.74 3.80 -9.29
CA GLY B 4 29.53 4.41 -8.75
C GLY B 4 29.83 5.75 -8.10
N ILE B 5 28.87 6.70 -8.19
CA ILE B 5 29.09 8.03 -7.61
C ILE B 5 28.83 8.03 -6.08
N GLN B 6 29.80 8.55 -5.33
CA GLN B 6 29.65 8.69 -3.88
C GLN B 6 29.04 10.06 -3.62
N PRO B 7 27.85 10.17 -2.97
CA PRO B 7 27.29 11.51 -2.70
C PRO B 7 28.24 12.35 -1.84
N SER B 8 28.45 13.62 -2.25
CA SER B 8 29.37 14.50 -1.53
C SER B 8 28.76 14.98 -0.21
N LYS B 9 29.61 15.52 0.66
CA LYS B 9 29.22 16.06 1.96
C LYS B 9 28.75 17.53 1.81
N LYS B 10 28.98 18.16 0.63
CA LYS B 10 28.51 19.54 0.39
C LYS B 10 27.03 19.53 -0.05
N LEU B 11 26.15 19.85 0.90
CA LEU B 11 24.72 19.90 0.64
C LEU B 11 24.38 21.29 0.15
N ILE B 12 23.77 21.36 -1.03
CA ILE B 12 23.43 22.63 -1.68
C ILE B 12 21.96 22.71 -2.04
N THR B 13 21.53 23.92 -2.35
CA THR B 13 20.26 24.22 -2.98
C THR B 13 20.59 24.83 -4.32
N ARG B 14 20.14 24.19 -5.40
CA ARG B 14 20.34 24.79 -6.72
C ARG B 14 19.00 25.37 -7.16
N ASP B 15 19.04 26.61 -7.59
CA ASP B 15 17.88 27.32 -8.08
C ASP B 15 17.91 27.35 -9.61
N TYR B 16 16.81 26.89 -10.23
CA TYR B 16 16.63 26.87 -11.69
C TYR B 16 15.57 27.89 -12.07
N LYS B 17 15.97 28.94 -12.74
CA LYS B 17 15.03 29.96 -13.20
C LYS B 17 14.38 29.45 -14.49
N VAL B 18 13.37 28.61 -14.33
CA VAL B 18 12.67 27.96 -15.43
C VAL B 18 11.56 28.87 -15.96
N LYS B 19 11.12 28.61 -17.21
CA LYS B 19 9.98 29.27 -17.84
C LYS B 19 8.71 28.85 -17.13
N GLU B 20 7.61 29.61 -17.27
CA GLU B 20 6.35 29.22 -16.63
C GLU B 20 5.83 27.87 -17.19
N PHE B 21 5.25 27.09 -16.31
CA PHE B 21 4.65 25.80 -16.62
C PHE B 21 3.37 25.64 -15.81
N ASN B 22 2.47 24.76 -16.25
CA ASN B 22 1.25 24.47 -15.50
C ASN B 22 1.11 22.95 -15.31
N LYS B 23 2.18 22.19 -15.68
CA LYS B 23 2.22 20.74 -15.52
C LYS B 23 3.59 20.32 -15.04
N ILE B 24 3.63 19.23 -14.26
CA ILE B 24 4.85 18.65 -13.71
C ILE B 24 4.91 17.20 -14.14
N ASP B 25 6.06 16.79 -14.66
CA ASP B 25 6.32 15.42 -15.08
C ASP B 25 7.68 15.05 -14.47
N ALA B 26 7.66 14.25 -13.38
CA ALA B 26 8.90 13.94 -12.67
C ALA B 26 9.15 12.45 -12.53
N GLY B 27 10.39 12.05 -12.81
CA GLY B 27 10.88 10.68 -12.69
C GLY B 27 12.09 10.61 -11.78
N THR B 28 12.22 11.59 -10.86
CA THR B 28 13.33 11.74 -9.92
C THR B 28 13.13 10.96 -8.61
N VAL B 29 14.21 10.88 -7.81
CA VAL B 29 14.19 10.27 -6.50
C VAL B 29 14.23 11.43 -5.50
N GLY B 30 13.21 11.50 -4.65
CA GLY B 30 13.12 12.58 -3.68
C GLY B 30 11.72 13.13 -3.56
N ASN B 31 11.40 13.68 -2.37
CA ASN B 31 10.07 14.26 -2.10
C ASN B 31 9.92 15.58 -2.81
N ILE B 32 8.71 15.86 -3.32
CA ILE B 32 8.40 17.09 -4.05
C ILE B 32 7.38 17.89 -3.26
N TYR B 33 7.63 19.21 -3.11
CA TYR B 33 6.73 20.11 -2.42
C TYR B 33 6.31 21.20 -3.38
N TYR B 34 5.04 21.20 -3.79
CA TYR B 34 4.54 22.20 -4.72
C TYR B 34 3.78 23.31 -3.95
N THR B 35 4.01 24.56 -4.33
CA THR B 35 3.32 25.74 -3.81
C THR B 35 2.73 26.52 -4.97
N GLN B 36 1.46 26.91 -4.87
CA GLN B 36 0.86 27.79 -5.86
C GLN B 36 1.26 29.22 -5.48
N SER B 37 2.04 29.89 -6.34
CA SER B 37 2.49 31.24 -6.00
C SER B 37 1.34 32.26 -6.07
N THR B 38 1.48 33.34 -5.31
CA THR B 38 0.46 34.40 -5.28
C THR B 38 1.05 35.70 -5.82
N ASP B 39 2.34 35.69 -6.22
CA ASP B 39 3.06 36.87 -6.73
C ASP B 39 3.48 36.72 -8.21
N GLY B 40 2.83 35.80 -8.93
CA GLY B 40 3.07 35.52 -10.36
C GLY B 40 4.39 34.87 -10.71
N LYS B 41 5.12 34.38 -9.74
CA LYS B 41 6.45 33.80 -9.96
C LYS B 41 6.45 32.28 -10.15
N THR B 42 7.42 31.83 -10.94
CA THR B 42 7.69 30.43 -11.22
C THR B 42 9.10 30.15 -10.69
N ASP B 43 9.26 29.04 -9.96
CA ASP B 43 10.58 28.71 -9.43
C ASP B 43 10.73 27.22 -9.19
N LEU B 44 11.97 26.76 -9.31
CA LEU B 44 12.34 25.37 -9.06
C LEU B 44 13.64 25.37 -8.24
N GLN B 45 13.61 24.71 -7.07
CA GLN B 45 14.80 24.56 -6.21
C GLN B 45 15.02 23.09 -5.88
N ILE B 46 16.26 22.61 -5.98
CA ILE B 46 16.59 21.22 -5.65
C ILE B 46 17.69 21.22 -4.61
N TYR B 47 17.41 20.54 -3.48
CA TYR B 47 18.31 20.40 -2.34
C TYR B 47 18.86 18.98 -2.28
N GLY B 48 20.16 18.87 -2.03
CA GLY B 48 20.82 17.59 -1.86
C GLY B 48 22.33 17.68 -2.02
N PRO B 49 23.06 16.53 -1.99
CA PRO B 49 24.52 16.57 -2.25
C PRO B 49 24.74 17.15 -3.64
N ASP B 50 25.71 18.07 -3.80
CA ASP B 50 25.91 18.78 -5.06
C ASP B 50 26.14 17.87 -6.28
N ASN B 51 26.83 16.74 -6.13
CA ASN B 51 27.11 15.84 -7.27
C ASN B 51 25.89 14.97 -7.61
N ILE B 52 24.89 14.91 -6.71
CA ILE B 52 23.65 14.14 -6.94
C ILE B 52 22.64 15.10 -7.56
N VAL B 53 22.58 16.35 -7.06
CA VAL B 53 21.71 17.41 -7.60
C VAL B 53 22.07 17.62 -9.09
N ALA B 54 23.38 17.58 -9.43
CA ALA B 54 23.90 17.75 -10.79
C ALA B 54 23.39 16.66 -11.77
N LEU B 55 22.89 15.50 -11.27
CA LEU B 55 22.37 14.41 -12.10
C LEU B 55 20.92 14.64 -12.55
N ILE B 56 20.25 15.67 -12.03
CA ILE B 56 18.85 15.90 -12.38
C ILE B 56 18.77 16.78 -13.62
N GLN B 57 18.06 16.28 -14.64
CA GLN B 57 17.81 16.98 -15.89
C GLN B 57 16.54 17.76 -15.72
N VAL B 58 16.62 19.04 -16.02
CA VAL B 58 15.53 19.99 -15.87
C VAL B 58 15.23 20.62 -17.23
N ALA B 59 13.96 20.62 -17.64
CA ALA B 59 13.53 21.28 -18.87
C ALA B 59 12.08 21.65 -18.78
N VAL B 60 11.73 22.81 -19.33
CA VAL B 60 10.34 23.20 -19.51
C VAL B 60 10.08 23.12 -21.02
N LYS B 61 9.09 22.33 -21.40
CA LYS B 61 8.75 22.11 -22.80
C LYS B 61 7.25 22.05 -22.85
N ASP B 62 6.68 22.91 -23.73
CA ASP B 62 5.26 23.10 -23.96
CA ASP B 62 5.24 23.05 -23.97
C ASP B 62 4.48 23.13 -22.63
N ASN B 63 4.87 24.11 -21.77
CA ASN B 63 4.26 24.37 -20.46
C ASN B 63 4.33 23.20 -19.46
N THR B 64 5.22 22.21 -19.69
CA THR B 64 5.42 21.13 -18.74
C THR B 64 6.86 21.19 -18.19
N LEU B 65 6.98 21.13 -16.84
CA LEU B 65 8.26 21.00 -16.18
C LEU B 65 8.61 19.52 -16.16
N PHE B 66 9.70 19.15 -16.87
CA PHE B 66 10.17 17.77 -16.88
C PHE B 66 11.38 17.65 -15.97
N LEU B 67 11.31 16.71 -15.02
CA LEU B 67 12.40 16.38 -14.08
C LEU B 67 12.75 14.91 -14.26
N SER B 68 14.03 14.62 -14.55
CA SER B 68 14.45 13.24 -14.82
C SER B 68 15.89 13.03 -14.37
N ILE B 69 16.28 11.76 -14.19
CA ILE B 69 17.61 11.41 -13.73
C ILE B 69 18.45 10.95 -14.91
N ASP B 70 19.71 11.43 -14.96
CA ASP B 70 20.69 10.94 -15.92
C ASP B 70 21.14 9.58 -15.37
N LYS B 71 20.55 8.50 -15.90
CA LYS B 71 20.79 7.14 -15.43
C LYS B 71 22.08 6.50 -16.04
N SER B 72 22.87 7.29 -16.79
CA SER B 72 24.14 6.85 -17.37
C SER B 72 25.26 6.84 -16.30
N LYS B 73 24.97 7.41 -15.12
CA LYS B 73 25.92 7.47 -14.03
C LYS B 73 25.32 6.78 -12.79
N LYS B 74 25.85 5.59 -12.45
CA LYS B 74 25.48 4.80 -11.28
C LYS B 74 25.76 5.59 -10.00
N VAL B 75 24.87 5.46 -9.01
CA VAL B 75 24.97 6.17 -7.72
C VAL B 75 25.00 5.12 -6.61
N ARG B 76 25.99 5.21 -5.70
CA ARG B 76 26.16 4.28 -4.59
C ARG B 76 24.98 4.32 -3.65
N ASN B 77 24.84 5.46 -2.98
CA ASN B 77 23.79 5.67 -2.00
C ASN B 77 23.18 7.03 -2.21
N PHE B 78 21.88 7.08 -2.01
CA PHE B 78 21.13 8.33 -2.11
C PHE B 78 21.10 8.97 -0.74
N LYS B 79 21.30 10.26 -0.68
CA LYS B 79 21.18 11.01 0.57
C LYS B 79 19.86 11.78 0.49
N LYS B 80 19.51 12.57 1.51
CA LYS B 80 18.25 13.33 1.50
C LYS B 80 18.21 14.31 0.31
N MSE B 81 17.12 14.25 -0.44
CA MSE B 81 16.83 15.12 -1.58
C MSE B 81 15.52 15.82 -1.33
O MSE B 81 14.61 15.22 -0.76
CB MSE B 81 16.70 14.29 -2.88
CG MSE B 81 17.90 13.40 -3.20
SE MSE B 81 19.46 14.42 -3.79
CE MSE B 81 18.65 15.38 -5.33
N LYS B 82 15.41 17.05 -1.78
CA LYS B 82 14.14 17.76 -1.67
C LYS B 82 13.97 18.65 -2.87
N ILE B 83 12.84 18.48 -3.56
CA ILE B 83 12.50 19.26 -4.75
C ILE B 83 11.37 20.22 -4.36
N THR B 84 11.61 21.53 -4.50
CA THR B 84 10.63 22.56 -4.17
C THR B 84 10.20 23.25 -5.46
N ILE B 85 8.92 23.20 -5.76
CA ILE B 85 8.37 23.71 -7.01
C ILE B 85 7.28 24.77 -6.73
N THR B 86 7.28 25.87 -7.52
CA THR B 86 6.26 26.90 -7.37
C THR B 86 5.92 27.47 -8.75
N SER B 87 4.62 27.70 -8.98
CA SER B 87 4.11 28.30 -10.21
C SER B 87 2.75 28.98 -9.94
N PRO B 88 2.29 29.93 -10.78
CA PRO B 88 0.97 30.54 -10.52
C PRO B 88 -0.20 29.58 -10.71
N THR B 89 -0.06 28.59 -11.63
CA THR B 89 -1.14 27.64 -11.91
C THR B 89 -0.62 26.22 -12.01
N LEU B 90 -1.52 25.24 -11.78
CA LEU B 90 -1.18 23.82 -11.93
C LEU B 90 -2.40 23.04 -12.38
N ASN B 91 -2.28 22.32 -13.50
CA ASN B 91 -3.33 21.51 -14.10
C ASN B 91 -2.99 20.03 -14.16
N GLY B 92 -1.73 19.68 -13.95
CA GLY B 92 -1.34 18.29 -14.00
C GLY B 92 -0.07 17.92 -13.26
N ILE B 93 -0.10 16.72 -12.71
CA ILE B 93 1.05 16.09 -12.05
C ILE B 93 1.14 14.67 -12.57
N SER B 94 2.26 14.35 -13.22
CA SER B 94 2.59 13.01 -13.67
C SER B 94 3.85 12.58 -12.92
N PHE B 95 3.76 11.52 -12.12
CA PHE B 95 4.92 11.10 -11.31
C PHE B 95 5.29 9.66 -11.61
N LYS B 96 6.58 9.40 -11.92
CA LYS B 96 7.01 8.05 -12.21
C LYS B 96 8.31 7.73 -11.51
N GLY B 97 8.67 8.53 -10.51
CA GLY B 97 9.91 8.33 -9.78
C GLY B 97 9.69 7.66 -8.44
N VAL B 98 10.50 8.02 -7.44
CA VAL B 98 10.39 7.48 -6.07
C VAL B 98 10.34 8.69 -5.15
N GLY B 99 9.27 8.83 -4.38
CA GLY B 99 9.14 9.97 -3.48
C GLY B 99 7.70 10.44 -3.34
N ASP B 100 7.42 11.21 -2.28
CA ASP B 100 6.08 11.73 -2.04
C ASP B 100 5.90 13.05 -2.73
N VAL B 101 4.69 13.31 -3.22
CA VAL B 101 4.35 14.56 -3.86
C VAL B 101 3.35 15.29 -2.92
N HIS B 102 3.74 16.48 -2.48
CA HIS B 102 2.91 17.30 -1.58
C HIS B 102 2.43 18.61 -2.21
N ILE B 103 1.19 18.99 -1.88
CA ILE B 103 0.60 20.32 -2.07
C ILE B 103 0.02 20.61 -0.66
N GLU B 104 0.87 21.15 0.25
CA GLU B 104 0.50 21.37 1.66
C GLU B 104 -0.42 22.55 1.89
N ASN B 105 -0.27 23.63 1.10
CA ASN B 105 -1.01 24.84 1.39
C ASN B 105 -2.01 25.28 0.30
N GLY B 106 -2.57 24.32 -0.43
CA GLY B 106 -3.61 24.64 -1.39
C GLY B 106 -3.29 24.82 -2.84
N LEU B 107 -4.32 24.64 -3.64
CA LEU B 107 -4.29 24.82 -5.09
C LEU B 107 -5.69 25.13 -5.58
N THR B 108 -5.82 26.25 -6.29
CA THR B 108 -7.06 26.67 -6.95
C THR B 108 -6.82 26.55 -8.44
N THR B 109 -7.58 25.65 -9.09
CA THR B 109 -7.43 25.40 -10.52
C THR B 109 -8.77 25.03 -11.13
N ASP B 110 -8.88 25.04 -12.46
CA ASP B 110 -10.11 24.60 -13.10
C ASP B 110 -10.11 23.05 -13.17
N ASN B 111 -9.09 22.48 -13.82
CA ASN B 111 -8.95 21.02 -13.99
C ASN B 111 -7.64 20.57 -13.45
N LEU B 112 -7.64 19.50 -12.65
CA LEU B 112 -6.41 18.92 -12.15
C LEU B 112 -6.37 17.45 -12.56
N ASP B 113 -5.26 17.05 -13.19
CA ASP B 113 -5.05 15.66 -13.59
C ASP B 113 -3.84 15.11 -12.83
N ILE B 114 -4.08 14.04 -12.04
CA ILE B 114 -3.05 13.38 -11.25
CA ILE B 114 -3.07 13.36 -11.23
C ILE B 114 -2.83 11.97 -11.81
N GLU B 115 -1.59 11.71 -12.23
CA GLU B 115 -1.19 10.42 -12.77
C GLU B 115 0.00 9.92 -11.92
N SER B 116 -0.23 8.97 -11.01
CA SER B 116 0.88 8.45 -10.19
C SER B 116 1.26 7.04 -10.71
N LYS B 117 2.50 6.90 -11.24
CA LYS B 117 3.05 5.65 -11.78
C LYS B 117 4.29 5.19 -11.01
N GLY B 118 4.70 5.94 -10.02
CA GLY B 118 5.91 5.60 -9.27
C GLY B 118 5.63 5.06 -7.90
N VAL B 119 6.61 5.19 -7.02
CA VAL B 119 6.54 4.72 -5.65
C VAL B 119 6.49 5.96 -4.78
N GLY B 120 5.38 6.13 -4.05
CA GLY B 120 5.23 7.27 -3.17
C GLY B 120 3.80 7.72 -3.05
N ASN B 121 3.53 8.58 -2.07
CA ASN B 121 2.20 9.12 -1.86
C ASN B 121 2.00 10.45 -2.56
N VAL B 122 0.73 10.82 -2.74
CA VAL B 122 0.32 12.13 -3.26
C VAL B 122 -0.58 12.71 -2.17
N ASP B 123 -0.24 13.89 -1.65
CA ASP B 123 -1.02 14.49 -0.55
C ASP B 123 -1.34 15.92 -0.91
N ILE B 124 -2.60 16.17 -1.28
CA ILE B 124 -3.06 17.50 -1.70
C ILE B 124 -4.08 17.98 -0.70
N GLN B 125 -3.78 19.13 -0.07
CA GLN B 125 -4.64 19.77 0.93
CA GLN B 125 -4.66 19.76 0.91
C GLN B 125 -5.19 21.06 0.35
N SER B 126 -6.40 21.49 0.79
CA SER B 126 -7.06 22.73 0.39
C SER B 126 -7.13 22.88 -1.13
N LEU B 127 -7.62 21.83 -1.80
CA LEU B 127 -7.82 21.87 -3.24
C LEU B 127 -9.17 22.50 -3.58
N THR B 128 -9.20 23.42 -4.54
CA THR B 128 -10.45 24.00 -5.03
C THR B 128 -10.40 23.82 -6.54
N CYS B 129 -11.25 22.96 -7.10
CA CYS B 129 -11.22 22.74 -8.55
C CYS B 129 -12.61 22.48 -9.11
N GLN B 130 -12.73 22.46 -10.43
CA GLN B 130 -13.99 22.12 -11.10
C GLN B 130 -13.96 20.64 -11.36
N LYS B 131 -12.92 20.18 -12.07
CA LYS B 131 -12.81 18.78 -12.41
C LYS B 131 -11.49 18.21 -11.91
N LEU B 132 -11.58 17.07 -11.23
CA LEU B 132 -10.43 16.34 -10.74
C LEU B 132 -10.42 14.96 -11.36
N ASN B 133 -9.27 14.58 -11.89
CA ASN B 133 -9.04 13.27 -12.46
C ASN B 133 -7.82 12.65 -11.80
N VAL B 134 -8.00 11.48 -11.13
CA VAL B 134 -6.90 10.77 -10.47
C VAL B 134 -6.79 9.39 -11.08
N GLN B 135 -5.59 9.04 -11.58
CA GLN B 135 -5.28 7.71 -12.08
C GLN B 135 -4.08 7.20 -11.30
N SER B 136 -4.31 6.37 -10.29
CA SER B 136 -3.19 5.86 -9.48
C SER B 136 -2.80 4.46 -10.02
N MSE B 137 -1.55 4.28 -10.47
CA MSE B 137 -1.11 3.02 -11.08
C MSE B 137 0.15 2.45 -10.46
O MSE B 137 0.57 1.35 -10.80
CB MSE B 137 -0.86 3.20 -12.59
CG MSE B 137 -2.10 3.64 -13.37
SE MSE B 137 -1.54 4.46 -15.08
CE MSE B 137 -1.41 6.36 -14.40
N GLY B 138 0.75 3.19 -9.55
CA GLY B 138 1.96 2.75 -8.88
C GLY B 138 1.70 2.22 -7.48
N VAL B 139 2.67 2.43 -6.59
CA VAL B 139 2.57 2.00 -5.20
C VAL B 139 2.53 3.23 -4.32
N GLY B 140 1.39 3.41 -3.64
CA GLY B 140 1.25 4.57 -2.77
C GLY B 140 -0.19 5.01 -2.66
N ASP B 141 -0.43 5.90 -1.70
CA ASP B 141 -1.74 6.46 -1.46
C ASP B 141 -1.89 7.83 -2.09
N VAL B 142 -3.11 8.18 -2.47
CA VAL B 142 -3.42 9.50 -3.00
C VAL B 142 -4.39 10.11 -2.01
N LYS B 143 -3.94 11.11 -1.24
CA LYS B 143 -4.75 11.79 -0.22
C LYS B 143 -5.17 13.15 -0.77
N LEU B 144 -6.50 13.42 -0.71
CA LEU B 144 -7.10 14.62 -1.25
C LEU B 144 -8.09 15.25 -0.29
N GLU B 145 -7.97 16.57 -0.11
CA GLU B 145 -8.88 17.34 0.74
C GLU B 145 -9.22 18.64 0.01
N GLY B 146 -10.48 19.04 0.10
CA GLY B 146 -10.97 20.26 -0.52
C GLY B 146 -12.30 20.06 -1.20
N THR B 147 -12.50 20.71 -2.35
CA THR B 147 -13.77 20.60 -3.07
C THR B 147 -13.53 20.39 -4.56
N ALA B 148 -14.46 19.71 -5.21
CA ALA B 148 -14.47 19.49 -6.67
C ALA B 148 -15.90 19.43 -7.15
N GLN B 149 -16.17 19.86 -8.38
CA GLN B 149 -17.52 19.72 -8.92
C GLN B 149 -17.66 18.27 -9.36
N ILE B 150 -16.62 17.76 -10.02
CA ILE B 150 -16.51 16.36 -10.49
C ILE B 150 -15.19 15.78 -10.01
N ALA B 151 -15.21 14.54 -9.48
CA ALA B 151 -13.99 13.83 -9.10
C ALA B 151 -14.00 12.42 -9.67
N ALA B 152 -13.09 12.15 -10.59
CA ALA B 152 -12.90 10.83 -11.20
C ALA B 152 -11.72 10.22 -10.49
N LEU B 153 -11.95 9.12 -9.75
CA LEU B 153 -10.95 8.45 -8.90
C LEU B 153 -10.76 7.03 -9.37
N HIS B 154 -9.63 6.74 -10.05
CA HIS B 154 -9.38 5.43 -10.64
C HIS B 154 -8.09 4.84 -10.11
N SER B 155 -8.22 3.82 -9.26
CA SER B 155 -7.07 3.20 -8.66
C SER B 155 -6.79 1.89 -9.38
N LYS B 156 -5.52 1.66 -9.79
CA LYS B 156 -5.11 0.48 -10.55
C LYS B 156 -3.86 -0.21 -9.98
N GLY B 157 -3.16 0.45 -9.07
CA GLY B 157 -1.95 -0.12 -8.50
C GLY B 157 -2.18 -0.66 -7.10
N VAL B 158 -1.27 -0.35 -6.18
CA VAL B 158 -1.39 -0.80 -4.80
C VAL B 158 -1.43 0.45 -3.94
N GLY B 159 -2.50 0.61 -3.19
CA GLY B 159 -2.66 1.79 -2.34
C GLY B 159 -4.07 2.29 -2.31
N ASN B 160 -4.33 3.25 -1.41
CA ASN B 160 -5.65 3.83 -1.21
C ASN B 160 -5.80 5.21 -1.76
N ILE B 161 -7.01 5.54 -2.22
CA ILE B 161 -7.37 6.90 -2.58
C ILE B 161 -8.14 7.39 -1.37
N GLU B 162 -7.55 8.30 -0.61
CA GLU B 162 -8.15 8.83 0.60
C GLU B 162 -8.73 10.20 0.29
N ALA B 163 -9.97 10.21 -0.19
CA ALA B 163 -10.65 11.45 -0.60
C ALA B 163 -12.00 11.66 0.15
N GLY B 164 -12.06 11.20 1.40
CA GLY B 164 -13.24 11.37 2.25
C GLY B 164 -13.50 12.83 2.58
N ASN B 165 -12.43 13.64 2.64
CA ASN B 165 -12.51 15.09 2.90
C ASN B 165 -12.41 15.91 1.62
N LEU B 166 -12.63 15.27 0.46
CA LEU B 166 -12.72 15.95 -0.81
C LEU B 166 -14.20 15.94 -1.17
N ARG B 167 -14.89 17.07 -0.94
CA ARG B 167 -16.33 17.19 -1.17
C ARG B 167 -16.60 17.42 -2.63
N ALA B 168 -17.21 16.42 -3.29
CA ALA B 168 -17.48 16.53 -4.73
C ALA B 168 -18.97 16.39 -5.00
N ASN B 169 -19.48 17.05 -6.05
CA ASN B 169 -20.89 16.88 -6.39
C ASN B 169 -21.11 15.56 -7.10
N ALA B 170 -20.24 15.25 -8.08
CA ALA B 170 -20.32 14.01 -8.84
C ALA B 170 -19.01 13.23 -8.68
N VAL B 171 -19.12 11.95 -8.37
CA VAL B 171 -17.94 11.12 -8.21
C VAL B 171 -18.01 9.94 -9.16
N GLU B 172 -16.88 9.62 -9.81
CA GLU B 172 -16.74 8.43 -10.64
CA GLU B 172 -16.74 8.44 -10.65
C GLU B 172 -15.57 7.67 -10.06
N ALA B 173 -15.85 6.55 -9.39
CA ALA B 173 -14.79 5.79 -8.72
C ALA B 173 -14.67 4.37 -9.21
N SER B 174 -13.43 3.93 -9.49
CA SER B 174 -13.20 2.54 -9.91
CA SER B 174 -13.20 2.54 -9.91
C SER B 174 -11.92 2.04 -9.28
N SER B 175 -11.96 0.87 -8.70
CA SER B 175 -10.81 0.26 -8.01
C SER B 175 -10.51 -1.05 -8.69
N GLN B 176 -9.34 -1.13 -9.31
CA GLN B 176 -8.95 -2.29 -10.09
C GLN B 176 -7.68 -2.97 -9.55
N GLY B 177 -7.01 -2.34 -8.61
CA GLY B 177 -5.81 -2.92 -8.03
C GLY B 177 -6.10 -3.42 -6.62
N VAL B 178 -5.17 -3.18 -5.71
CA VAL B 178 -5.30 -3.59 -4.30
C VAL B 178 -5.37 -2.31 -3.48
N GLY B 179 -6.51 -2.09 -2.83
CA GLY B 179 -6.68 -0.91 -2.01
C GLY B 179 -8.10 -0.39 -2.02
N ASP B 180 -8.38 0.57 -1.12
CA ASP B 180 -9.70 1.16 -0.98
C ASP B 180 -9.79 2.54 -1.56
N ILE B 181 -11.01 2.97 -1.88
CA ILE B 181 -11.28 4.34 -2.28
C ILE B 181 -12.28 4.89 -1.28
N THR B 182 -11.93 5.97 -0.57
CA THR B 182 -12.84 6.65 0.34
C THR B 182 -13.14 7.96 -0.36
N CYS B 183 -14.42 8.29 -0.52
CA CYS B 183 -14.75 9.51 -1.26
C CYS B 183 -16.02 10.15 -0.66
N ASN B 184 -16.46 11.24 -1.27
CA ASN B 184 -17.55 12.04 -0.75
C ASN B 184 -18.33 12.62 -1.95
N ALA B 185 -19.55 12.10 -2.15
CA ALA B 185 -20.40 12.45 -3.28
C ALA B 185 -21.69 13.06 -2.77
N THR B 186 -21.94 14.34 -3.09
CA THR B 186 -23.18 14.96 -2.59
C THR B 186 -24.37 14.74 -3.54
N GLU B 187 -24.14 14.67 -4.87
CA GLU B 187 -25.26 14.53 -5.81
C GLU B 187 -25.30 13.18 -6.54
N SER B 188 -24.14 12.68 -7.01
CA SER B 188 -24.13 11.41 -7.76
C SER B 188 -22.85 10.63 -7.53
N ILE B 189 -22.96 9.28 -7.61
CA ILE B 189 -21.79 8.42 -7.52
C ILE B 189 -21.93 7.24 -8.49
N ASP B 190 -20.90 7.07 -9.31
CA ASP B 190 -20.74 5.93 -10.17
C ASP B 190 -19.54 5.19 -9.56
N ALA B 191 -19.79 4.00 -8.98
CA ALA B 191 -18.72 3.26 -8.29
C ALA B 191 -18.61 1.84 -8.83
N ALA B 192 -17.37 1.38 -9.11
CA ALA B 192 -17.13 0.05 -9.63
C ALA B 192 -15.99 -0.64 -8.88
N VAL B 193 -16.29 -1.71 -8.13
CA VAL B 193 -15.28 -2.49 -7.41
C VAL B 193 -14.83 -3.59 -8.38
N ARG B 194 -13.55 -3.60 -8.79
CA ARG B 194 -13.00 -4.56 -9.76
CA ARG B 194 -13.00 -4.55 -9.77
C ARG B 194 -11.71 -5.21 -9.27
N GLY B 195 -11.27 -4.90 -8.07
CA GLY B 195 -10.05 -5.50 -7.55
C GLY B 195 -10.23 -6.09 -6.16
N VAL B 196 -9.23 -5.89 -5.31
CA VAL B 196 -9.25 -6.33 -3.92
C VAL B 196 -9.29 -5.05 -3.11
N GLY B 197 -10.44 -4.76 -2.54
CA GLY B 197 -10.65 -3.52 -1.81
C GLY B 197 -12.04 -2.99 -2.03
N SER B 198 -12.39 -1.97 -1.28
CA SER B 198 -13.73 -1.42 -1.20
C SER B 198 -13.83 0.05 -1.57
N ILE B 199 -15.03 0.48 -1.92
CA ILE B 199 -15.33 1.89 -2.20
C ILE B 199 -16.30 2.36 -1.10
N LYS B 200 -15.87 3.34 -0.32
CA LYS B 200 -16.65 3.93 0.77
CA LYS B 200 -16.65 3.93 0.77
C LYS B 200 -16.97 5.37 0.41
N TYR B 201 -18.24 5.75 0.45
CA TYR B 201 -18.56 7.12 0.11
C TYR B 201 -19.43 7.77 1.17
N LYS B 202 -19.08 9.03 1.50
CA LYS B 202 -19.87 9.88 2.38
C LYS B 202 -20.90 10.59 1.50
N GLY B 203 -21.94 11.14 2.13
CA GLY B 203 -23.00 11.89 1.48
C GLY B 203 -24.27 11.13 1.22
N SER B 204 -25.29 11.84 0.67
CA SER B 204 -26.57 11.22 0.30
C SER B 204 -26.86 11.50 -1.17
N PRO B 205 -26.04 10.92 -2.10
CA PRO B 205 -26.27 11.21 -3.53
C PRO B 205 -27.64 10.71 -4.01
N THR B 206 -28.26 11.56 -4.83
CA THR B 206 -29.55 11.38 -5.50
C THR B 206 -29.48 10.19 -6.49
N ILE B 207 -28.39 10.08 -7.24
CA ILE B 207 -28.18 9.07 -8.26
C ILE B 207 -26.98 8.24 -7.93
N LYS B 208 -27.14 6.93 -7.99
CA LYS B 208 -25.98 6.08 -7.77
C LYS B 208 -26.02 4.89 -8.73
N SER B 209 -24.84 4.53 -9.24
CA SER B 209 -24.64 3.39 -10.15
C SER B 209 -23.51 2.59 -9.57
N LEU B 210 -23.83 1.40 -9.04
CA LEU B 210 -22.85 0.57 -8.33
C LEU B 210 -22.65 -0.74 -9.07
N SER B 211 -21.37 -1.00 -9.40
CA SER B 211 -20.90 -2.13 -10.22
C SER B 211 -19.88 -2.94 -9.46
N LYS B 212 -19.94 -4.28 -9.57
CA LYS B 212 -19.04 -5.10 -8.78
C LYS B 212 -18.63 -6.43 -9.43
N LYS B 213 -17.31 -6.68 -9.40
CA LYS B 213 -16.64 -7.91 -9.80
C LYS B 213 -15.27 -7.88 -9.14
N GLY B 214 -15.26 -8.12 -7.84
CA GLY B 214 -14.05 -8.09 -7.05
C GLY B 214 -14.24 -8.61 -5.64
N VAL B 215 -13.25 -8.35 -4.80
CA VAL B 215 -13.23 -8.80 -3.41
C VAL B 215 -13.28 -7.54 -2.56
N GLY B 216 -14.46 -7.24 -2.04
CA GLY B 216 -14.70 -6.04 -1.26
C GLY B 216 -16.13 -5.60 -1.45
N THR B 217 -16.47 -4.38 -1.03
CA THR B 217 -17.84 -3.91 -1.17
C THR B 217 -17.91 -2.41 -1.49
N ILE B 218 -19.13 -1.90 -1.68
CA ILE B 218 -19.45 -0.49 -1.87
C ILE B 218 -20.36 -0.14 -0.69
N LYS B 219 -19.96 0.84 0.11
CA LYS B 219 -20.71 1.18 1.32
C LYS B 219 -20.83 2.68 1.48
N ASN B 220 -22.02 3.14 1.87
CA ASN B 220 -22.27 4.53 2.19
C ASN B 220 -21.89 4.73 3.68
N ILE B 221 -20.96 5.65 3.98
CA ILE B 221 -20.44 5.87 5.34
C ILE B 221 -20.73 7.30 5.84
CL CL C . 8.32 -3.68 15.28
C ACT D . -17.24 -13.34 2.59
O ACT D . -17.23 -12.83 3.72
OXT ACT D . -16.20 -13.43 1.97
CH3 ACT D . -18.54 -13.83 1.98
O1 PG4 E . -12.03 -16.27 18.30
C1 PG4 E . -10.72 -15.67 18.30
C2 PG4 E . -10.76 -14.18 18.67
O2 PG4 E . -11.80 -13.56 17.92
C3 PG4 E . -12.03 -12.22 18.36
C4 PG4 E . -12.99 -11.52 17.37
O3 PG4 E . -14.22 -11.16 18.06
C5 PG4 E . -15.42 -11.43 17.28
C6 PG4 E . -16.40 -12.28 18.14
O4 PG4 E . -17.40 -12.99 17.36
C7 PG4 E . -17.68 -14.21 18.11
C8 PG4 E . -18.04 -15.39 17.21
O5 PG4 E . -17.05 -16.41 17.35
O1 PG4 F . -8.68 -14.12 -5.74
C1 PG4 F . -8.39 -12.90 -5.02
C2 PG4 F . -8.94 -11.67 -5.74
O2 PG4 F . -8.17 -11.22 -6.89
C3 PG4 F . -8.95 -10.77 -8.02
C4 PG4 F . -10.28 -10.04 -7.72
O3 PG4 F . -10.66 -9.05 -8.72
C5 PG4 F . -10.61 -9.52 -10.09
C6 PG4 F . -11.91 -10.17 -10.59
O4 PG4 F . -11.67 -11.21 -11.61
C7 PG4 F . -10.95 -12.33 -10.99
C8 PG4 F . -11.59 -13.76 -11.13
O5 PG4 F . -13.03 -13.79 -11.12
O1 PG4 G . -12.27 -26.39 -8.39
C1 PG4 G . -11.84 -25.96 -7.10
C2 PG4 G . -11.01 -24.66 -7.17
O2 PG4 G . -10.14 -24.56 -6.04
C3 PG4 G . -9.54 -23.26 -6.05
C4 PG4 G . -8.35 -23.20 -7.02
O3 PG4 G . -7.30 -24.12 -6.67
C5 PG4 G . -6.22 -23.92 -7.58
C6 PG4 G . -5.83 -25.24 -8.29
O4 PG4 G . -6.96 -25.72 -9.08
C7 PG4 G . -6.58 -26.90 -9.82
C8 PG4 G . -7.79 -27.34 -10.68
O5 PG4 G . -8.45 -28.51 -10.13
O1 PG4 H . -24.46 -11.50 -10.07
C1 PG4 H . -25.28 -11.82 -11.19
C2 PG4 H . -25.50 -13.35 -11.22
O2 PG4 H . -26.55 -13.78 -12.12
C3 PG4 H . -27.00 -15.09 -11.69
C4 PG4 H . -27.72 -15.09 -10.32
O3 PG4 H . -28.32 -16.39 -10.02
O1 PG4 I . 7.12 -2.16 -5.17
C1 PG4 I . 7.95 -2.79 -6.17
C2 PG4 I . 8.20 -1.83 -7.39
O2 PG4 I . 6.96 -1.18 -7.82
C3 PG4 I . 7.24 -0.12 -8.77
C4 PG4 I . 5.98 0.79 -8.89
O3 PG4 I . 5.52 0.93 -10.23
C5 PG4 I . 4.31 0.16 -10.35
C6 PG4 I . 3.90 -0.07 -11.83
O4 PG4 I . 3.89 1.15 -12.60
O1 PG4 J . 14.95 -18.35 22.76
C1 PG4 J . 14.69 -18.99 21.51
C2 PG4 J . 16.00 -19.51 20.97
O2 PG4 J . 15.84 -19.86 19.60
C3 PG4 J . 16.36 -18.74 18.88
C4 PG4 J . 17.25 -19.31 17.80
O3 PG4 J . 16.75 -18.83 16.57
C5 PG4 J . 17.64 -17.78 16.20
C6 PG4 J . 17.05 -16.42 16.54
O4 PG4 J . 17.61 -16.02 17.77
C7 PG4 J . 18.65 -15.10 17.51
C8 PG4 J . 19.41 -14.90 18.81
O5 PG4 J . 18.56 -14.12 19.64
O1 PG4 K . 2.04 -23.19 19.89
C1 PG4 K . 3.33 -22.56 19.83
C2 PG4 K . 3.80 -22.08 21.23
O2 PG4 K . 3.43 -20.71 21.52
C3 PG4 K . 3.46 -20.47 22.94
C4 PG4 K . 2.63 -19.23 23.34
O3 PG4 K . 1.26 -19.64 23.66
O1 PG4 L . -18.78 -24.88 -3.53
C1 PG4 L . -17.56 -25.56 -3.10
C2 PG4 L . -17.61 -26.02 -1.63
O2 PG4 L . -17.48 -24.94 -0.68
C3 PG4 L . -18.43 -25.11 0.39
C4 PG4 L . -19.43 -23.93 0.31
O3 PG4 L . -20.79 -24.33 0.25
CL CL M . -10.25 9.75 3.42
C ACT N . 17.64 12.17 -7.84
O ACT N . 17.54 12.24 -6.63
OXT ACT N . 16.61 12.11 -8.54
CH3 ACT N . 19.04 12.14 -8.43
O1 PG4 O . 15.01 22.59 2.23
C1 PG4 O . 16.17 22.16 2.97
C2 PG4 O . 16.02 20.68 3.31
O2 PG4 O . 15.81 20.49 4.72
C3 PG4 O . 15.26 19.14 4.89
C4 PG4 O . 13.84 19.31 5.47
O3 PG4 O . 13.14 18.08 5.74
C5 PG4 O . 11.89 18.04 5.01
C6 PG4 O . 10.84 19.11 5.39
O4 PG4 O . 9.89 19.30 4.30
C7 PG4 O . 9.33 20.60 4.32
C8 PG4 O . 9.25 21.19 2.92
O5 PG4 O . 9.98 22.42 2.84
O1 PG4 P . 14.21 17.99 -23.57
C1 PG4 P . 14.11 17.14 -22.41
C2 PG4 P . 12.66 16.92 -21.90
O2 PG4 P . 12.09 15.66 -22.29
C3 PG4 P . 10.66 15.80 -22.37
C4 PG4 P . 10.03 14.68 -23.20
O3 PG4 P . 8.93 15.15 -24.01
C5 PG4 P . 9.35 15.24 -25.38
C6 PG4 P . 8.51 16.25 -26.21
O4 PG4 P . 9.05 16.33 -27.57
C7 PG4 P . 9.21 17.70 -28.04
C8 PG4 P . 10.46 17.90 -28.97
O5 PG4 P . 11.46 18.83 -28.48
O1 PG4 Q . -18.94 22.43 -0.75
C1 PG4 Q . -19.52 21.12 -0.51
C2 PG4 Q . -20.67 20.81 -1.49
O2 PG4 Q . -20.29 19.77 -2.41
C3 PG4 Q . -19.85 20.36 -3.64
C4 PG4 Q . -18.43 20.93 -3.66
O3 PG4 Q . -18.18 21.61 -4.90
C5 PG4 Q . -18.44 23.03 -4.77
C6 PG4 Q . -17.43 23.76 -3.87
O4 PG4 Q . -18.07 24.68 -2.94
C7 PG4 Q . -17.06 25.46 -2.27
O1 PG4 R . 2.78 -4.44 -4.42
C1 PG4 R . 3.51 -4.90 -5.57
C2 PG4 R . 3.82 -3.74 -6.52
O2 PG4 R . 2.61 -3.33 -7.19
C3 PG4 R . 2.90 -2.43 -8.30
C4 PG4 R . 1.59 -1.72 -8.67
O3 PG4 R . 1.48 -1.68 -10.06
C5 PG4 R . 0.20 -2.29 -10.39
C6 PG4 R . -0.13 -2.28 -11.92
O4 PG4 R . -0.72 -1.04 -12.41
O1 PG4 S . 14.34 3.29 -9.74
C1 PG4 S . 14.93 4.59 -9.81
C2 PG4 S . 13.84 5.67 -9.90
O2 PG4 S . 13.66 6.11 -11.25
C3 PG4 S . 12.29 5.85 -11.57
C4 PG4 S . 12.13 5.55 -13.08
O3 PG4 S . 12.28 6.75 -13.86
O1 PG4 T . 10.63 1.82 -8.27
C1 PG4 T . 11.07 2.69 -9.31
C2 PG4 T . 9.99 3.75 -9.61
O2 PG4 T . 9.06 3.31 -10.61
#